data_9G12
#
_entry.id   9G12
#
_cell.length_a   88.989
_cell.length_b   98.541
_cell.length_c   97.345
_cell.angle_alpha   90.000
_cell.angle_beta   90.000
_cell.angle_gamma   90.000
#
_symmetry.space_group_name_H-M   'I 21 21 21'
#
loop_
_entity.id
_entity.type
_entity.pdbx_description
1 polymer 'Toxin RelE'
2 polymer 'Antitoxin RelB'
3 non-polymer 'CHLORIDE ION'
4 water water
#
loop_
_entity_poly.entity_id
_entity_poly.type
_entity_poly.pdbx_seq_one_letter_code
_entity_poly.pdbx_strand_id
1 'polypeptide(L)'
;MSDDHPYHVAITATAARDLQRLPEKIAAACVEFVFGPLLNNPHRLGKPLRNDLEGLHSARRGDYRVVYAIDDGHHRVEII
HIARRSASYRMNPCRPR
;
A,B
2 'polypeptide(L)'
;MAVVPLGEVRNRLSEYVAEVELTHERITITRHGHPAAVLISADDLASIEETLEVLRTPGASEAIREGLADVAAGRFVSND
EIRNRYTAR
;
C,D
#
# COMPACT_ATOMS: atom_id res chain seq x y z
N SER A 2 -1.21 -25.98 17.36
CA SER A 2 -2.23 -25.83 18.39
C SER A 2 -1.98 -26.77 19.55
N ASP A 3 -1.68 -26.19 20.71
CA ASP A 3 -1.56 -26.94 21.96
C ASP A 3 -1.83 -25.99 23.12
N ASP A 4 -2.32 -26.55 24.23
CA ASP A 4 -2.41 -25.88 25.54
C ASP A 4 -3.50 -24.82 25.64
N HIS A 5 -3.45 -23.83 24.75
CA HIS A 5 -4.60 -22.98 24.43
C HIS A 5 -4.75 -23.07 22.92
N PRO A 6 -5.32 -24.17 22.41
CA PRO A 6 -5.36 -24.34 20.94
C PRO A 6 -6.32 -23.37 20.30
N TYR A 7 -5.91 -22.85 19.15
CA TYR A 7 -6.75 -21.91 18.43
C TYR A 7 -7.76 -22.66 17.57
N HIS A 8 -8.83 -21.96 17.21
CA HIS A 8 -9.82 -22.49 16.31
C HIS A 8 -10.16 -21.45 15.28
N VAL A 9 -10.76 -21.91 14.18
CA VAL A 9 -11.19 -21.07 13.08
C VAL A 9 -12.54 -20.46 13.44
N ALA A 10 -12.74 -19.23 13.00
CA ALA A 10 -14.06 -18.61 13.08
C ALA A 10 -14.26 -17.87 11.78
N ILE A 11 -15.25 -18.31 11.00
CA ILE A 11 -15.44 -17.84 9.65
C ILE A 11 -16.60 -16.86 9.64
N THR A 12 -16.33 -15.59 9.34
CA THR A 12 -17.41 -14.61 9.27
C THR A 12 -18.41 -15.00 8.19
N ALA A 13 -19.64 -14.51 8.34
CA ALA A 13 -20.62 -14.58 7.26
C ALA A 13 -20.02 -14.10 5.95
N THR A 14 -19.26 -13.00 6.01
CA THR A 14 -18.69 -12.41 4.82
C THR A 14 -17.81 -13.41 4.06
N ALA A 15 -16.92 -14.09 4.79
CA ALA A 15 -16.00 -15.04 4.16
C ALA A 15 -16.71 -16.30 3.67
N ALA A 16 -17.76 -16.75 4.36
CA ALA A 16 -18.54 -17.85 3.82
C ALA A 16 -19.20 -17.43 2.51
N ARG A 17 -19.78 -16.23 2.48
CA ARG A 17 -20.31 -15.72 1.23
C ARG A 17 -19.22 -15.67 0.16
N ASP A 18 -18.00 -15.26 0.54
CA ASP A 18 -16.91 -15.30 -0.45
C ASP A 18 -16.70 -16.72 -0.95
N LEU A 19 -16.56 -17.68 -0.04
CA LEU A 19 -16.33 -19.07 -0.42
C LEU A 19 -17.40 -19.57 -1.37
N GLN A 20 -18.65 -19.16 -1.12
CA GLN A 20 -19.77 -19.54 -1.97
C GLN A 20 -19.66 -18.90 -3.34
N ARG A 21 -19.09 -17.70 -3.41
CA ARG A 21 -18.97 -16.99 -4.66
C ARG A 21 -17.84 -17.52 -5.54
N LEU A 22 -16.89 -18.27 -4.96
CA LEU A 22 -15.76 -18.81 -5.70
C LEU A 22 -16.13 -20.09 -6.47
N PRO A 23 -15.33 -20.46 -7.47
CA PRO A 23 -15.51 -21.78 -8.08
C PRO A 23 -15.25 -22.84 -7.03
N GLU A 24 -16.07 -23.89 -7.03
CA GLU A 24 -16.00 -24.92 -6.00
C GLU A 24 -14.57 -25.39 -5.78
N LYS A 25 -13.80 -25.53 -6.87
CA LYS A 25 -12.41 -25.98 -6.76
C LYS A 25 -11.61 -25.06 -5.87
N ILE A 26 -11.54 -23.77 -6.24
CA ILE A 26 -10.78 -22.80 -5.45
C ILE A 26 -11.25 -22.77 -4.00
N ALA A 27 -12.56 -22.82 -3.78
CA ALA A 27 -13.09 -22.79 -2.43
C ALA A 27 -12.57 -23.96 -1.60
N ALA A 28 -12.49 -25.14 -2.21
CA ALA A 28 -12.08 -26.33 -1.47
C ALA A 28 -10.66 -26.19 -0.93
N ALA A 29 -9.72 -25.82 -1.81
CA ALA A 29 -8.32 -25.68 -1.39
C ALA A 29 -8.17 -24.62 -0.31
N CYS A 30 -8.85 -23.48 -0.48
CA CYS A 30 -8.81 -22.46 0.56
C CYS A 30 -9.23 -23.04 1.91
N VAL A 31 -10.39 -23.71 1.96
CA VAL A 31 -10.84 -24.32 3.21
C VAL A 31 -9.79 -25.29 3.74
N GLU A 32 -9.21 -26.12 2.87
CA GLU A 32 -8.14 -27.01 3.32
C GLU A 32 -6.98 -26.21 3.90
N PHE A 33 -6.59 -25.14 3.20
CA PHE A 33 -5.50 -24.31 3.70
C PHE A 33 -5.86 -23.66 5.03
N VAL A 34 -7.11 -23.19 5.15
CA VAL A 34 -7.45 -22.37 6.31
C VAL A 34 -7.44 -23.21 7.59
N PHE A 35 -8.00 -24.43 7.53
CA PHE A 35 -8.12 -25.28 8.70
C PHE A 35 -6.86 -26.09 9.02
N GLY A 36 -5.90 -26.18 8.11
CA GLY A 36 -4.73 -26.96 8.37
C GLY A 36 -3.51 -26.09 8.56
N PRO A 37 -2.82 -25.83 7.46
CA PRO A 37 -1.66 -24.92 7.50
C PRO A 37 -1.93 -23.61 8.25
N LEU A 38 -2.99 -22.89 7.88
CA LEU A 38 -3.22 -21.57 8.46
C LEU A 38 -3.51 -21.66 9.96
N LEU A 39 -4.41 -22.57 10.36
CA LEU A 39 -4.74 -22.65 11.78
C LEU A 39 -3.52 -23.01 12.62
N ASN A 40 -2.52 -23.66 12.02
CA ASN A 40 -1.37 -24.14 12.78
C ASN A 40 -0.23 -23.15 12.85
N ASN A 41 -0.07 -22.29 11.85
CA ASN A 41 0.97 -21.26 11.86
C ASN A 41 0.39 -19.96 11.32
N PRO A 42 -0.63 -19.41 12.00
CA PRO A 42 -1.23 -18.16 11.49
C PRO A 42 -0.23 -17.01 11.43
N HIS A 43 0.77 -16.99 12.32
CA HIS A 43 1.74 -15.90 12.28
C HIS A 43 2.76 -16.05 11.16
N ARG A 44 3.07 -17.29 10.80
CA ARG A 44 4.16 -17.55 9.85
C ARG A 44 3.65 -17.57 8.42
N LEU A 45 2.51 -18.19 8.18
CA LEU A 45 1.98 -18.33 6.84
C LEU A 45 1.27 -17.09 6.34
N GLY A 46 1.36 -15.97 7.05
CA GLY A 46 0.77 -14.76 6.51
C GLY A 46 1.61 -13.58 6.95
N LYS A 47 1.25 -12.42 6.41
CA LYS A 47 1.95 -11.20 6.69
C LYS A 47 0.99 -10.18 7.28
N PRO A 48 1.42 -9.45 8.30
CA PRO A 48 0.55 -8.43 8.89
C PRO A 48 0.37 -7.29 7.91
N LEU A 49 -0.82 -6.69 7.96
CA LEU A 49 -1.18 -5.60 7.07
C LEU A 49 -1.01 -4.26 7.77
N ARG A 50 -1.01 -3.19 6.98
CA ARG A 50 -0.57 -1.88 7.41
C ARG A 50 -1.66 -0.87 7.12
N ASN A 51 -1.44 0.36 7.56
CA ASN A 51 -2.34 1.47 7.23
C ASN A 51 -3.71 1.11 7.82
N ASP A 52 -4.81 1.35 7.09
CA ASP A 52 -6.16 1.07 7.60
C ASP A 52 -6.33 -0.37 8.06
N LEU A 53 -5.47 -1.28 7.59
CA LEU A 53 -5.63 -2.71 7.79
C LEU A 53 -4.75 -3.28 8.89
N GLU A 54 -4.12 -2.43 9.70
CA GLU A 54 -3.33 -2.95 10.81
C GLU A 54 -4.23 -3.69 11.79
N GLY A 55 -3.68 -4.72 12.38
CA GLY A 55 -4.44 -5.68 13.14
C GLY A 55 -4.77 -6.93 12.36
N LEU A 56 -4.66 -6.88 11.04
CA LEU A 56 -5.04 -7.98 10.18
C LEU A 56 -3.80 -8.62 9.57
N HIS A 57 -4.00 -9.83 9.03
CA HIS A 57 -2.97 -10.53 8.28
C HIS A 57 -3.54 -10.93 6.94
N SER A 58 -2.66 -11.38 6.05
CA SER A 58 -3.08 -11.93 4.78
C SER A 58 -2.15 -13.06 4.38
N ALA A 59 -2.73 -14.18 3.96
CA ALA A 59 -1.95 -15.32 3.48
C ALA A 59 -2.32 -15.58 2.03
N ARG A 60 -1.32 -15.90 1.21
CA ARG A 60 -1.46 -16.01 -0.23
C ARG A 60 -1.25 -17.45 -0.64
N ARG A 61 -2.11 -17.95 -1.52
CA ARG A 61 -1.91 -19.30 -2.01
C ARG A 61 -2.79 -19.54 -3.22
N GLY A 62 -2.21 -20.12 -4.28
CA GLY A 62 -3.01 -20.42 -5.46
C GLY A 62 -3.70 -19.18 -5.97
N ASP A 63 -5.00 -19.30 -6.28
CA ASP A 63 -5.78 -18.18 -6.79
C ASP A 63 -6.50 -17.40 -5.69
N TYR A 64 -6.10 -17.54 -4.42
CA TYR A 64 -6.88 -16.92 -3.36
C TYR A 64 -6.00 -16.22 -2.34
N ARG A 65 -6.61 -15.26 -1.65
CA ARG A 65 -6.00 -14.48 -0.58
C ARG A 65 -6.96 -14.53 0.60
N VAL A 66 -6.45 -14.98 1.75
CA VAL A 66 -7.22 -15.02 2.99
C VAL A 66 -6.80 -13.84 3.86
N VAL A 67 -7.75 -12.96 4.19
CA VAL A 67 -7.52 -11.84 5.09
C VAL A 67 -8.11 -12.21 6.44
N TYR A 68 -7.28 -12.24 7.48
CA TYR A 68 -7.71 -12.76 8.77
C TYR A 68 -7.15 -11.95 9.92
N ALA A 69 -7.73 -12.16 11.10
CA ALA A 69 -7.24 -11.58 12.35
C ALA A 69 -6.90 -12.70 13.31
N ILE A 70 -5.76 -12.56 13.99
CA ILE A 70 -5.35 -13.52 15.02
C ILE A 70 -5.80 -12.93 16.36
N ASP A 71 -6.88 -13.46 16.88
CA ASP A 71 -7.50 -12.92 18.09
C ASP A 71 -7.02 -13.81 19.23
N ASP A 72 -6.00 -13.34 19.95
CA ASP A 72 -5.40 -14.14 21.00
C ASP A 72 -6.26 -14.20 22.26
N GLY A 73 -7.05 -13.14 22.53
CA GLY A 73 -7.93 -13.16 23.69
C GLY A 73 -9.06 -14.16 23.55
N HIS A 74 -9.46 -14.46 22.31
CA HIS A 74 -10.47 -15.47 22.04
C HIS A 74 -9.87 -16.77 21.47
N HIS A 75 -8.54 -16.85 21.36
CA HIS A 75 -7.85 -18.02 20.81
C HIS A 75 -8.45 -18.45 19.48
N ARG A 76 -8.63 -17.46 18.59
CA ARG A 76 -9.34 -17.61 17.33
C ARG A 76 -8.48 -17.12 16.18
N VAL A 77 -8.66 -17.76 15.03
CA VAL A 77 -8.25 -17.23 13.74
C VAL A 77 -9.53 -16.82 13.03
N GLU A 78 -9.79 -15.51 13.02
CA GLU A 78 -11.00 -14.95 12.44
C GLU A 78 -10.81 -14.70 10.96
N ILE A 79 -11.60 -15.38 10.14
CA ILE A 79 -11.52 -15.28 8.69
C ILE A 79 -12.46 -14.16 8.28
N ILE A 80 -11.89 -13.07 7.76
CA ILE A 80 -12.65 -11.84 7.53
C ILE A 80 -13.06 -11.70 6.08
N HIS A 81 -12.19 -12.09 5.15
CA HIS A 81 -12.52 -11.95 3.74
C HIS A 81 -11.61 -12.88 2.95
N ILE A 82 -12.20 -13.58 1.97
CA ILE A 82 -11.45 -14.40 1.04
C ILE A 82 -11.68 -13.84 -0.34
N ALA A 83 -10.60 -13.53 -1.03
CA ALA A 83 -10.70 -12.89 -2.33
C ALA A 83 -9.87 -13.67 -3.33
N ARG A 84 -10.16 -13.43 -4.60
CA ARG A 84 -9.48 -14.12 -5.70
C ARG A 84 -8.21 -13.35 -6.04
N ARG A 85 -7.16 -14.09 -6.40
CA ARG A 85 -5.91 -13.46 -6.83
C ARG A 85 -5.90 -13.25 -8.34
N SER A 86 -5.21 -12.19 -8.75
CA SER A 86 -4.97 -11.92 -10.17
C SER A 86 -3.80 -10.96 -10.38
N PRO B 6 7.45 27.63 -16.24
CA PRO B 6 6.71 26.61 -15.50
C PRO B 6 5.70 25.87 -16.39
N TYR B 7 5.06 24.84 -15.82
CA TYR B 7 4.27 23.89 -16.61
C TYR B 7 2.87 24.42 -16.90
N HIS B 8 2.33 24.01 -18.05
CA HIS B 8 0.92 24.18 -18.33
C HIS B 8 0.12 23.18 -17.50
N VAL B 9 -1.12 23.55 -17.17
CA VAL B 9 -2.00 22.73 -16.34
C VAL B 9 -3.24 22.39 -17.14
N ALA B 10 -3.62 21.11 -17.14
CA ALA B 10 -4.84 20.63 -17.75
C ALA B 10 -5.67 19.91 -16.71
N ILE B 11 -6.90 20.38 -16.47
CA ILE B 11 -7.72 19.88 -15.37
C ILE B 11 -8.82 19.02 -15.96
N THR B 12 -8.81 17.72 -15.65
CA THR B 12 -9.84 16.84 -16.18
C THR B 12 -11.19 17.19 -15.60
N ALA B 13 -12.23 16.80 -16.34
CA ALA B 13 -13.59 16.97 -15.84
C ALA B 13 -13.79 16.21 -14.56
N THR B 14 -13.19 15.03 -14.45
CA THR B 14 -13.24 14.31 -13.19
C THR B 14 -12.72 15.17 -12.04
N ALA B 15 -11.57 15.81 -12.25
CA ALA B 15 -10.94 16.54 -11.16
C ALA B 15 -11.77 17.77 -10.78
N ALA B 16 -12.33 18.46 -11.78
CA ALA B 16 -13.26 19.55 -11.52
C ALA B 16 -14.45 19.11 -10.70
N ARG B 17 -15.04 17.97 -11.05
CA ARG B 17 -16.12 17.45 -10.23
C ARG B 17 -15.61 17.12 -8.83
N ASP B 18 -14.38 16.59 -8.71
CA ASP B 18 -13.83 16.36 -7.37
C ASP B 18 -13.82 17.65 -6.57
N LEU B 19 -13.37 18.76 -7.17
CA LEU B 19 -13.34 20.04 -6.46
C LEU B 19 -14.73 20.45 -5.99
N GLN B 20 -15.73 20.21 -6.85
CA GLN B 20 -17.11 20.59 -6.55
C GLN B 20 -17.64 19.81 -5.36
N ARG B 21 -17.23 18.54 -5.24
CA ARG B 21 -17.75 17.67 -4.19
C ARG B 21 -17.22 18.07 -2.80
N LEU B 22 -16.02 18.63 -2.76
CA LEU B 22 -15.21 18.91 -1.59
C LEU B 22 -15.72 20.11 -0.79
N PRO B 23 -15.61 20.04 0.53
CA PRO B 23 -15.82 21.22 1.36
C PRO B 23 -15.10 22.43 0.77
N GLU B 24 -15.85 23.51 0.58
CA GLU B 24 -15.39 24.70 -0.14
C GLU B 24 -14.00 25.17 0.27
N LYS B 25 -13.70 25.14 1.58
CA LYS B 25 -12.41 25.61 2.08
C LYS B 25 -11.26 24.74 1.57
N ILE B 26 -11.43 23.43 1.63
CA ILE B 26 -10.40 22.53 1.11
C ILE B 26 -10.20 22.76 -0.38
N ALA B 27 -11.31 22.91 -1.13
CA ALA B 27 -11.22 23.12 -2.57
C ALA B 27 -10.41 24.36 -2.91
N ALA B 28 -10.73 25.50 -2.28
CA ALA B 28 -9.99 26.73 -2.52
C ALA B 28 -8.51 26.56 -2.17
N ALA B 29 -8.22 25.87 -1.07
CA ALA B 29 -6.82 25.62 -0.74
C ALA B 29 -6.19 24.71 -1.79
N CYS B 30 -6.91 23.67 -2.21
CA CYS B 30 -6.39 22.77 -3.23
C CYS B 30 -6.06 23.53 -4.53
N VAL B 31 -7.00 24.38 -5.00
CA VAL B 31 -6.80 25.08 -6.27
C VAL B 31 -5.56 25.96 -6.20
N GLU B 32 -5.44 26.78 -5.15
CA GLU B 32 -4.24 27.57 -4.92
C GLU B 32 -2.98 26.73 -5.07
N PHE B 33 -2.94 25.61 -4.36
CA PHE B 33 -1.80 24.70 -4.47
C PHE B 33 -1.56 24.32 -5.93
N VAL B 34 -2.62 23.89 -6.64
CA VAL B 34 -2.43 23.35 -7.99
C VAL B 34 -1.88 24.41 -8.93
N PHE B 35 -2.35 25.65 -8.81
CA PHE B 35 -1.95 26.66 -9.77
C PHE B 35 -0.62 27.30 -9.44
N GLY B 36 -0.16 27.19 -8.19
CA GLY B 36 1.11 27.78 -7.81
C GLY B 36 2.23 26.76 -7.76
N PRO B 37 2.52 26.27 -6.56
CA PRO B 37 3.71 25.41 -6.36
C PRO B 37 3.73 24.16 -7.22
N LEU B 38 2.62 23.43 -7.32
CA LEU B 38 2.63 22.22 -8.12
C LEU B 38 3.07 22.49 -9.55
N LEU B 39 2.64 23.62 -10.13
CA LEU B 39 2.98 23.92 -11.52
C LEU B 39 4.45 24.26 -11.71
N ASN B 40 5.18 24.62 -10.66
CA ASN B 40 6.58 24.91 -10.89
C ASN B 40 7.47 23.69 -10.67
N ASN B 41 7.18 22.87 -9.64
CA ASN B 41 8.00 21.71 -9.30
C ASN B 41 7.18 20.42 -9.25
N PRO B 42 6.58 20.02 -10.37
CA PRO B 42 5.71 18.85 -10.33
C PRO B 42 6.44 17.53 -10.10
N HIS B 43 7.69 17.39 -10.53
CA HIS B 43 8.39 16.14 -10.25
C HIS B 43 8.81 16.02 -8.79
N ARG B 44 8.87 17.14 -8.06
CA ARG B 44 9.34 17.20 -6.68
C ARG B 44 8.24 17.23 -5.65
N LEU B 45 7.17 17.99 -5.89
CA LEU B 45 6.16 18.16 -4.85
C LEU B 45 5.36 16.89 -4.65
N GLY B 46 5.21 16.08 -5.70
CA GLY B 46 4.52 14.82 -5.62
C GLY B 46 5.48 13.65 -5.65
N LYS B 47 4.91 12.46 -5.58
CA LYS B 47 5.69 11.22 -5.54
C LYS B 47 5.13 10.23 -6.55
N PRO B 48 6.00 9.61 -7.37
CA PRO B 48 5.52 8.63 -8.34
C PRO B 48 4.69 7.55 -7.67
N LEU B 49 3.69 7.05 -8.39
CA LEU B 49 2.83 5.98 -7.90
C LEU B 49 3.22 4.65 -8.54
N ARG B 50 2.86 3.57 -7.83
CA ARG B 50 3.31 2.23 -8.14
C ARG B 50 2.17 1.35 -8.60
N ASN B 51 2.54 0.15 -9.03
CA ASN B 51 1.60 -0.92 -9.38
C ASN B 51 0.71 -0.43 -10.52
N ASP B 52 -0.61 -0.51 -10.41
CA ASP B 52 -1.48 -0.06 -11.48
C ASP B 52 -1.40 1.44 -11.74
N LEU B 53 -0.81 2.20 -10.83
CA LEU B 53 -0.77 3.64 -10.95
C LEU B 53 0.58 4.16 -11.47
N GLU B 54 1.46 3.26 -11.92
CA GLU B 54 2.73 3.68 -12.50
C GLU B 54 2.50 4.63 -13.67
N GLY B 55 3.24 5.74 -13.66
CA GLY B 55 3.04 6.80 -14.63
C GLY B 55 2.35 7.99 -14.03
N LEU B 56 1.79 7.84 -12.84
CA LEU B 56 1.07 8.91 -12.16
C LEU B 56 1.86 9.36 -10.94
N HIS B 57 1.63 10.61 -10.57
CA HIS B 57 2.17 11.20 -9.36
C HIS B 57 1.02 11.58 -8.44
N SER B 58 1.31 11.61 -7.14
CA SER B 58 0.37 12.04 -6.12
C SER B 58 1.05 13.04 -5.23
N ALA B 59 0.40 14.17 -5.00
CA ALA B 59 0.86 15.19 -4.08
C ALA B 59 -0.17 15.33 -2.96
N ARG B 60 0.31 15.73 -1.78
CA ARG B 60 -0.55 15.78 -0.60
C ARG B 60 -0.18 16.98 0.26
N ARG B 61 -1.20 17.64 0.80
CA ARG B 61 -1.06 18.84 1.61
C ARG B 61 -2.43 19.19 2.15
N GLY B 62 -2.47 19.93 3.26
CA GLY B 62 -3.76 20.24 3.85
C GLY B 62 -4.55 18.97 4.09
N ASP B 63 -5.85 19.01 3.79
CA ASP B 63 -6.65 17.78 3.75
C ASP B 63 -7.00 17.36 2.31
N TYR B 64 -6.15 17.67 1.32
CA TYR B 64 -6.41 17.24 -0.04
C TYR B 64 -5.26 16.43 -0.61
N ARG B 65 -5.56 15.59 -1.59
CA ARG B 65 -4.56 14.79 -2.29
C ARG B 65 -4.79 14.92 -3.78
N VAL B 66 -3.73 15.24 -4.53
CA VAL B 66 -3.80 15.56 -5.95
C VAL B 66 -3.04 14.50 -6.75
N VAL B 67 -3.77 13.70 -7.55
CA VAL B 67 -3.17 12.72 -8.46
C VAL B 67 -3.09 13.34 -9.85
N TYR B 68 -1.91 13.26 -10.48
CA TYR B 68 -1.73 13.87 -11.80
C TYR B 68 -0.73 13.09 -12.62
N ALA B 69 -0.73 13.39 -13.90
CA ALA B 69 0.27 12.91 -14.84
C ALA B 69 1.08 14.09 -15.34
N ILE B 70 2.38 13.90 -15.56
CA ILE B 70 3.28 14.94 -16.05
C ILE B 70 3.60 14.67 -17.51
N ASP B 71 3.18 15.57 -18.39
CA ASP B 71 3.43 15.43 -19.83
C ASP B 71 4.61 16.29 -20.25
N ASP B 72 5.81 15.80 -19.97
CA ASP B 72 7.03 16.53 -20.31
C ASP B 72 7.07 16.89 -21.80
N GLY B 73 6.86 15.90 -22.66
CA GLY B 73 6.88 16.11 -24.09
C GLY B 73 5.99 17.23 -24.58
N HIS B 74 5.09 17.74 -23.72
CA HIS B 74 4.33 18.94 -24.06
C HIS B 74 4.34 19.93 -22.91
N HIS B 75 5.21 19.76 -21.92
CA HIS B 75 5.34 20.63 -20.75
C HIS B 75 3.99 20.92 -20.08
N ARG B 76 3.33 19.85 -19.63
CA ARG B 76 1.96 19.99 -19.16
C ARG B 76 1.65 19.05 -18.01
N VAL B 77 0.86 19.55 -17.05
CA VAL B 77 0.40 18.78 -15.90
C VAL B 77 -1.08 18.47 -16.09
N GLU B 78 -1.42 17.19 -16.17
CA GLU B 78 -2.80 16.75 -16.30
C GLU B 78 -3.32 16.32 -14.92
N ILE B 79 -4.29 17.07 -14.40
CA ILE B 79 -4.90 16.78 -13.09
C ILE B 79 -5.98 15.72 -13.27
N ILE B 80 -5.76 14.55 -12.69
CA ILE B 80 -6.61 13.39 -12.94
C ILE B 80 -7.71 13.25 -11.89
N HIS B 81 -7.34 13.35 -10.62
CA HIS B 81 -8.27 13.11 -9.52
C HIS B 81 -7.80 13.96 -8.35
N ILE B 82 -8.74 14.53 -7.61
CA ILE B 82 -8.44 15.23 -6.36
C ILE B 82 -9.23 14.55 -5.25
N ALA B 83 -8.56 14.23 -4.15
CA ALA B 83 -9.16 13.41 -3.12
C ALA B 83 -9.06 14.06 -1.76
N ARG B 84 -10.00 13.70 -0.89
CA ARG B 84 -9.93 14.10 0.51
C ARG B 84 -8.95 13.18 1.23
N ARG B 85 -7.94 13.78 1.88
CA ARG B 85 -6.86 13.00 2.49
C ARG B 85 -7.40 12.05 3.56
N SER B 86 -8.18 12.58 4.50
CA SER B 86 -8.56 11.79 5.67
C SER B 86 -9.45 10.58 5.33
N ALA B 87 -10.14 10.59 4.19
CA ALA B 87 -11.19 9.59 3.92
C ALA B 87 -10.63 8.16 3.90
N SER B 88 -11.39 7.25 4.53
CA SER B 88 -10.99 5.84 4.67
C SER B 88 -12.19 4.99 5.06
N TYR B 89 -12.15 3.71 4.69
CA TYR B 89 -13.22 2.75 5.02
C TYR B 89 -13.31 2.44 6.52
N ALA C 2 15.68 5.41 13.17
CA ALA C 2 16.80 6.30 13.40
C ALA C 2 17.26 6.93 12.12
N VAL C 3 18.05 7.99 12.27
CA VAL C 3 18.60 8.74 11.16
C VAL C 3 20.10 8.79 11.39
N VAL C 4 20.85 8.08 10.56
CA VAL C 4 22.28 7.88 10.81
C VAL C 4 23.05 8.21 9.54
N PRO C 5 24.14 8.95 9.63
CA PRO C 5 24.95 9.23 8.45
C PRO C 5 25.57 7.96 7.88
N LEU C 6 25.83 8.04 6.57
CA LEU C 6 26.34 6.93 5.78
C LEU C 6 27.54 6.25 6.45
N GLY C 7 28.61 7.01 6.71
CA GLY C 7 29.80 6.40 7.27
C GLY C 7 29.59 5.73 8.62
N GLU C 8 28.63 6.23 9.41
CA GLU C 8 28.35 5.59 10.69
C GLU C 8 27.61 4.27 10.49
N VAL C 9 26.55 4.30 9.66
CA VAL C 9 25.97 3.04 9.17
C VAL C 9 27.06 2.14 8.62
N ARG C 10 27.95 2.70 7.78
CA ARG C 10 29.04 1.94 7.21
C ARG C 10 29.84 1.24 8.30
N ASN C 11 30.19 1.97 9.37
CA ASN C 11 31.03 1.41 10.43
C ASN C 11 30.31 0.36 11.26
N ARG C 12 28.99 0.48 11.45
CA ARG C 12 28.25 -0.49 12.23
C ARG C 12 27.12 -1.10 11.41
N LEU C 13 27.40 -1.45 10.15
CA LEU C 13 26.35 -2.01 9.30
C LEU C 13 25.83 -3.32 9.88
N SER C 14 26.74 -4.22 10.26
CA SER C 14 26.38 -5.49 10.87
C SER C 14 25.45 -5.29 12.07
N GLU C 15 25.67 -4.22 12.83
CA GLU C 15 24.86 -3.97 14.02
C GLU C 15 23.50 -3.40 13.64
N TYR C 16 23.47 -2.46 12.69
CA TYR C 16 22.19 -1.89 12.27
C TYR C 16 21.32 -2.94 11.60
N VAL C 17 21.92 -3.84 10.82
CA VAL C 17 21.12 -4.85 10.12
C VAL C 17 20.44 -5.76 11.12
N ALA C 18 21.18 -6.16 12.18
CA ALA C 18 20.59 -6.98 13.23
C ALA C 18 19.47 -6.26 13.95
N GLU C 19 19.64 -4.96 14.20
CA GLU C 19 18.58 -4.21 14.88
C GLU C 19 17.34 -4.09 14.01
N VAL C 20 17.53 -3.77 12.72
CA VAL C 20 16.41 -3.70 11.77
C VAL C 20 15.70 -5.05 11.71
N GLU C 21 16.47 -6.11 11.55
CA GLU C 21 15.98 -7.49 11.63
C GLU C 21 15.02 -7.72 12.80
N LEU C 22 15.42 -7.34 14.01
CA LEU C 22 14.67 -7.77 15.19
C LEU C 22 13.70 -6.71 15.75
N THR C 23 13.77 -5.45 15.32
CA THR C 23 12.78 -4.48 15.79
C THR C 23 11.90 -3.91 14.68
N HIS C 24 12.30 -4.07 13.42
CA HIS C 24 11.63 -3.47 12.27
C HIS C 24 11.70 -1.94 12.29
N GLU C 25 12.63 -1.41 13.08
CA GLU C 25 12.99 -0.01 12.96
C GLU C 25 13.66 0.24 11.62
N ARG C 26 13.25 1.30 10.95
CA ARG C 26 13.92 1.74 9.74
C ARG C 26 15.06 2.67 10.06
N ILE C 27 16.16 2.53 9.30
CA ILE C 27 17.32 3.40 9.44
C ILE C 27 17.41 4.22 8.16
N THR C 28 17.10 5.51 8.27
CA THR C 28 17.31 6.43 7.17
C THR C 28 18.79 6.76 7.11
N ILE C 29 19.47 6.24 6.10
CA ILE C 29 20.86 6.56 5.88
C ILE C 29 20.91 7.93 5.21
N THR C 30 21.70 8.82 5.77
CA THR C 30 21.75 10.18 5.27
C THR C 30 23.05 10.41 4.57
N ARG C 31 22.94 11.12 3.47
CA ARG C 31 24.05 11.60 2.70
C ARG C 31 23.80 13.09 2.49
N HIS C 32 24.78 13.91 2.84
CA HIS C 32 24.69 15.37 2.72
C HIS C 32 23.41 15.90 3.36
N GLY C 33 23.17 15.51 4.60
CA GLY C 33 22.02 15.98 5.33
C GLY C 33 20.72 15.59 4.66
N HIS C 34 20.80 14.62 3.76
CA HIS C 34 19.61 14.28 3.02
C HIS C 34 19.30 12.79 3.11
N PRO C 35 18.02 12.46 3.16
CA PRO C 35 17.58 11.05 3.11
C PRO C 35 17.82 10.46 1.72
N ALA C 36 18.77 9.53 1.66
CA ALA C 36 19.09 8.84 0.40
C ALA C 36 18.50 7.43 0.37
N ALA C 37 18.90 6.56 1.27
CA ALA C 37 18.38 5.20 1.31
C ALA C 37 17.93 4.86 2.72
N VAL C 38 17.25 3.73 2.84
CA VAL C 38 16.69 3.27 4.10
C VAL C 38 17.01 1.79 4.25
N LEU C 39 17.52 1.41 5.42
CA LEU C 39 17.54 0.02 5.83
C LEU C 39 16.19 -0.35 6.42
N ILE C 40 15.49 -1.30 5.80
CA ILE C 40 14.20 -1.74 6.32
C ILE C 40 14.17 -3.26 6.40
N SER C 41 13.39 -3.77 7.35
CA SER C 41 13.21 -5.20 7.51
C SER C 41 12.59 -5.82 6.26
N ALA C 42 13.04 -7.02 5.90
CA ALA C 42 12.41 -7.67 4.75
C ALA C 42 10.93 -7.92 5.01
N ASP C 43 10.61 -8.34 6.24
CA ASP C 43 9.20 -8.52 6.63
C ASP C 43 8.44 -7.20 6.54
N ASP C 44 9.08 -6.11 6.97
CA ASP C 44 8.42 -4.80 6.95
C ASP C 44 8.03 -4.42 5.53
N LEU C 45 8.99 -4.47 4.60
CA LEU C 45 8.71 -4.15 3.19
C LEU C 45 7.63 -5.06 2.62
N ALA C 46 7.75 -6.38 2.80
CA ALA C 46 6.78 -7.31 2.22
C ALA C 46 5.39 -7.14 2.78
N SER C 47 5.25 -6.57 3.99
CA SER C 47 3.93 -6.34 4.53
C SER C 47 3.31 -5.06 3.96
N ILE C 48 4.12 -4.04 3.71
CA ILE C 48 3.68 -2.92 2.88
C ILE C 48 3.18 -3.43 1.53
N GLU C 49 4.00 -4.25 0.86
CA GLU C 49 3.62 -4.71 -0.46
C GLU C 49 2.37 -5.58 -0.40
N GLU C 50 2.27 -6.47 0.59
CA GLU C 50 1.07 -7.29 0.67
C GLU C 50 -0.16 -6.43 0.96
N THR C 51 0.00 -5.35 1.72
CA THR C 51 -1.13 -4.46 1.96
C THR C 51 -1.58 -3.81 0.65
N LEU C 52 -0.60 -3.43 -0.19
CA LEU C 52 -0.91 -2.88 -1.50
C LEU C 52 -1.71 -3.88 -2.34
N GLU C 53 -1.26 -5.13 -2.40
CA GLU C 53 -1.97 -6.14 -3.17
C GLU C 53 -3.41 -6.29 -2.68
N VAL C 54 -3.62 -6.24 -1.36
CA VAL C 54 -4.97 -6.35 -0.81
C VAL C 54 -5.80 -5.14 -1.22
N LEU C 55 -5.24 -3.94 -1.08
CA LEU C 55 -6.01 -2.71 -1.29
C LEU C 55 -6.38 -2.52 -2.76
N ARG C 56 -5.56 -3.01 -3.70
CA ARG C 56 -5.91 -2.89 -5.11
C ARG C 56 -6.92 -3.94 -5.57
N THR C 57 -7.31 -4.88 -4.72
CA THR C 57 -8.31 -5.87 -5.09
C THR C 57 -9.68 -5.25 -5.12
N PRO C 58 -10.40 -5.31 -6.25
CA PRO C 58 -11.67 -4.55 -6.41
C PRO C 58 -12.62 -4.46 -5.22
N GLY C 59 -13.09 -5.56 -4.67
CA GLY C 59 -14.05 -5.38 -3.59
C GLY C 59 -13.50 -5.44 -2.18
N ALA C 60 -12.18 -5.49 -2.03
CA ALA C 60 -11.58 -6.05 -0.82
C ALA C 60 -11.81 -5.13 0.39
N SER C 61 -11.58 -3.83 0.25
CA SER C 61 -11.76 -2.95 1.41
C SER C 61 -13.20 -2.93 1.90
N GLU C 62 -14.17 -3.03 1.01
CA GLU C 62 -15.55 -2.99 1.46
C GLU C 62 -15.94 -4.30 2.14
N ALA C 63 -15.43 -5.44 1.65
CA ALA C 63 -15.77 -6.71 2.30
C ALA C 63 -15.10 -6.82 3.66
N ILE C 64 -13.86 -6.37 3.77
CA ILE C 64 -13.16 -6.44 5.03
C ILE C 64 -13.92 -5.68 6.09
N ARG C 65 -14.43 -4.50 5.72
CA ARG C 65 -15.30 -3.75 6.62
C ARG C 65 -16.50 -4.59 7.03
N GLU C 66 -17.03 -5.39 6.10
CA GLU C 66 -18.20 -6.20 6.43
C GLU C 66 -17.83 -7.33 7.37
N GLY C 67 -16.71 -8.01 7.12
CA GLY C 67 -16.31 -9.09 7.99
C GLY C 67 -15.93 -8.61 9.38
N LEU C 68 -15.27 -7.44 9.47
CA LEU C 68 -15.04 -6.87 10.80
C LEU C 68 -16.36 -6.57 11.51
N ALA C 69 -17.38 -6.12 10.79
CA ALA C 69 -18.64 -5.93 11.50
C ALA C 69 -19.21 -7.27 11.93
N ASP C 70 -18.94 -8.33 11.16
CA ASP C 70 -19.38 -9.66 11.58
C ASP C 70 -18.67 -10.03 12.87
N VAL C 71 -17.36 -9.80 12.91
CA VAL C 71 -16.62 -10.09 14.12
C VAL C 71 -17.27 -9.37 15.30
N ALA C 72 -17.52 -8.06 15.14
CA ALA C 72 -18.08 -7.30 16.26
C ALA C 72 -19.39 -7.90 16.72
N ALA C 73 -20.18 -8.45 15.79
CA ALA C 73 -21.44 -9.12 16.09
C ALA C 73 -21.29 -10.61 16.42
N GLY C 74 -20.09 -11.18 16.35
CA GLY C 74 -19.98 -12.63 16.46
C GLY C 74 -20.77 -13.40 15.42
N ARG C 75 -20.96 -12.83 14.23
CA ARG C 75 -21.73 -13.47 13.17
C ARG C 75 -20.79 -14.40 12.38
N PHE C 76 -20.49 -15.53 13.02
CA PHE C 76 -19.65 -16.59 12.47
C PHE C 76 -20.52 -17.77 12.07
N VAL C 77 -20.12 -18.48 11.03
CA VAL C 77 -20.86 -19.64 10.52
C VAL C 77 -20.25 -20.92 11.03
N SER C 78 -20.94 -22.05 10.81
CA SER C 78 -20.51 -23.33 11.35
C SER C 78 -19.29 -23.86 10.62
N ASN C 79 -18.25 -24.22 11.37
CA ASN C 79 -17.06 -24.79 10.74
C ASN C 79 -17.36 -26.15 10.11
N ASP C 80 -18.05 -27.02 10.84
CA ASP C 80 -18.39 -28.33 10.30
C ASP C 80 -19.29 -28.24 9.08
N GLU C 81 -20.10 -27.18 8.99
CA GLU C 81 -20.90 -27.01 7.78
C GLU C 81 -20.03 -26.57 6.61
N ILE C 82 -19.13 -25.62 6.86
CA ILE C 82 -18.24 -25.14 5.80
C ILE C 82 -17.40 -26.31 5.27
N ARG C 83 -16.80 -27.08 6.18
CA ARG C 83 -15.93 -28.18 5.77
C ARG C 83 -16.70 -29.21 4.97
N ASN C 84 -17.90 -29.56 5.41
CA ASN C 84 -18.72 -30.49 4.65
C ASN C 84 -19.02 -29.96 3.25
N ARG C 85 -19.37 -28.67 3.16
CA ARG C 85 -19.88 -28.13 1.90
C ARG C 85 -18.80 -28.06 0.82
N TYR C 86 -17.57 -27.76 1.23
CA TYR C 86 -16.45 -27.78 0.30
C TYR C 86 -15.62 -29.04 0.59
N THR C 87 -14.39 -29.07 0.09
CA THR C 87 -13.46 -30.18 0.33
C THR C 87 -14.14 -31.54 0.12
N ALA C 88 -14.78 -31.69 -1.04
CA ALA C 88 -15.59 -32.86 -1.40
C ALA C 88 -16.56 -33.25 -0.29
N ALA D 2 18.93 -7.12 -6.22
CA ALA D 2 20.15 -7.87 -6.03
C ALA D 2 20.27 -8.41 -4.61
N VAL D 3 20.90 -9.57 -4.48
CA VAL D 3 21.16 -10.20 -3.18
C VAL D 3 22.65 -10.18 -2.96
N VAL D 4 23.08 -9.58 -1.84
CA VAL D 4 24.49 -9.27 -1.57
C VAL D 4 24.84 -9.56 -0.10
N PRO D 5 25.94 -10.24 0.18
CA PRO D 5 26.35 -10.45 1.58
C PRO D 5 26.83 -9.17 2.25
N LEU D 6 26.70 -9.17 3.58
CA LEU D 6 26.81 -7.92 4.34
C LEU D 6 28.19 -7.27 4.20
N GLY D 7 29.25 -8.08 4.15
CA GLY D 7 30.58 -7.52 4.04
C GLY D 7 30.77 -6.73 2.75
N GLU D 8 30.22 -7.22 1.64
CA GLU D 8 30.38 -6.49 0.40
C GLU D 8 29.59 -5.18 0.44
N VAL D 9 28.39 -5.20 1.04
CA VAL D 9 27.65 -3.98 1.24
C VAL D 9 28.46 -3.00 2.09
N ARG D 10 29.08 -3.50 3.17
CA ARG D 10 29.87 -2.64 4.03
C ARG D 10 30.98 -1.96 3.24
N ASN D 11 31.65 -2.69 2.35
CA ASN D 11 32.79 -2.15 1.62
C ASN D 11 32.37 -0.97 0.74
N ARG D 12 31.43 -1.21 -0.17
CA ARG D 12 31.07 -0.11 -1.05
C ARG D 12 29.67 0.40 -0.74
N LEU D 13 29.37 0.74 0.52
CA LEU D 13 27.98 1.08 0.83
C LEU D 13 27.56 2.34 0.08
N SER D 14 28.44 3.35 0.07
CA SER D 14 28.17 4.57 -0.67
C SER D 14 27.81 4.25 -2.12
N GLU D 15 28.57 3.35 -2.76
CA GLU D 15 28.23 2.96 -4.14
C GLU D 15 26.88 2.25 -4.20
N TYR D 16 26.61 1.39 -3.22
CA TYR D 16 25.30 0.74 -3.16
C TYR D 16 24.20 1.72 -2.85
N VAL D 17 24.43 2.70 -1.96
CA VAL D 17 23.35 3.65 -1.69
C VAL D 17 23.07 4.48 -2.92
N ALA D 18 24.15 4.93 -3.59
CA ALA D 18 24.01 5.71 -4.83
C ALA D 18 23.27 4.91 -5.88
N GLU D 19 23.68 3.67 -6.10
CA GLU D 19 22.99 2.81 -7.05
C GLU D 19 21.53 2.66 -6.70
N VAL D 20 21.24 2.36 -5.45
CA VAL D 20 19.85 2.21 -5.01
C VAL D 20 19.12 3.53 -5.21
N GLU D 21 19.81 4.66 -5.04
CA GLU D 21 19.20 5.97 -5.21
C GLU D 21 18.91 6.26 -6.68
N LEU D 22 19.82 5.86 -7.57
CA LEU D 22 19.74 6.26 -8.98
C LEU D 22 18.76 5.40 -9.76
N THR D 23 18.94 4.09 -9.73
CA THR D 23 17.84 3.21 -10.11
C THR D 23 16.94 3.09 -8.91
N HIS D 24 15.90 2.28 -8.98
CA HIS D 24 15.25 2.07 -7.69
C HIS D 24 15.38 0.61 -7.31
N GLU D 25 16.60 0.10 -7.44
CA GLU D 25 16.89 -1.29 -7.11
C GLU D 25 16.92 -1.48 -5.60
N ARG D 26 16.54 -2.67 -5.17
CA ARG D 26 16.57 -3.08 -3.79
C ARG D 26 17.65 -4.13 -3.58
N ILE D 27 18.52 -3.89 -2.60
CA ILE D 27 19.56 -4.83 -2.20
C ILE D 27 19.06 -5.61 -1.01
N THR D 28 18.89 -6.91 -1.17
CA THR D 28 18.55 -7.77 -0.05
C THR D 28 19.86 -8.17 0.63
N ILE D 29 20.02 -7.77 1.88
CA ILE D 29 21.27 -8.00 2.60
C ILE D 29 21.17 -9.35 3.27
N THR D 30 22.22 -10.16 3.11
CA THR D 30 22.23 -11.50 3.71
C THR D 30 23.36 -11.67 4.71
N ARG D 31 23.01 -11.88 5.97
CA ARG D 31 23.98 -12.08 7.02
C ARG D 31 24.15 -13.57 7.30
N HIS D 32 25.40 -14.05 7.21
CA HIS D 32 25.73 -15.45 7.45
C HIS D 32 24.82 -16.39 6.67
N GLY D 33 24.67 -16.13 5.38
CA GLY D 33 23.82 -16.96 4.52
C GLY D 33 22.37 -16.96 4.95
N HIS D 34 21.85 -15.77 5.25
CA HIS D 34 20.46 -15.64 5.68
C HIS D 34 19.97 -14.20 5.51
N PRO D 35 18.91 -14.02 4.69
CA PRO D 35 18.33 -12.70 4.43
C PRO D 35 18.01 -11.98 5.74
N ALA D 36 18.42 -10.72 5.84
CA ALA D 36 18.16 -9.94 7.06
C ALA D 36 17.42 -8.64 6.78
N ALA D 37 18.00 -7.76 5.96
CA ALA D 37 17.41 -6.46 5.73
C ALA D 37 17.46 -6.09 4.26
N VAL D 38 16.71 -5.05 3.93
CA VAL D 38 16.66 -4.54 2.56
C VAL D 38 17.18 -3.10 2.53
N LEU D 39 18.08 -2.82 1.59
CA LEU D 39 18.45 -1.45 1.25
C LEU D 39 17.52 -0.96 0.14
N ILE D 40 16.71 0.05 0.46
CA ILE D 40 15.77 0.64 -0.49
C ILE D 40 15.99 2.15 -0.53
N SER D 41 15.70 2.74 -1.68
CA SER D 41 15.78 4.18 -1.84
C SER D 41 14.70 4.85 -0.99
N ALA D 42 15.00 6.01 -0.41
CA ALA D 42 13.97 6.69 0.36
C ALA D 42 12.78 7.03 -0.53
N ASP D 43 13.06 7.57 -1.71
CA ASP D 43 11.97 7.92 -2.62
C ASP D 43 11.18 6.69 -3.04
N ASP D 44 11.85 5.54 -3.14
CA ASP D 44 11.18 4.29 -3.50
C ASP D 44 10.22 3.87 -2.39
N LEU D 45 10.70 3.84 -1.14
CA LEU D 45 9.82 3.56 -0.01
C LEU D 45 8.67 4.56 0.05
N ALA D 46 8.97 5.86 0.00
CA ALA D 46 7.94 6.89 0.00
C ALA D 46 6.95 6.68 -1.13
N SER D 47 7.40 6.09 -2.23
CA SER D 47 6.51 5.93 -3.38
C SER D 47 5.48 4.83 -3.12
N ILE D 48 5.87 3.77 -2.42
CA ILE D 48 4.88 2.73 -2.17
C ILE D 48 4.00 3.10 -0.97
N GLU D 49 4.50 3.88 -0.02
CA GLU D 49 3.64 4.33 1.08
C GLU D 49 2.58 5.33 0.59
N GLU D 50 2.94 6.23 -0.35
CA GLU D 50 1.91 7.10 -0.91
C GLU D 50 0.92 6.31 -1.78
N THR D 51 1.39 5.30 -2.52
CA THR D 51 0.44 4.51 -3.27
C THR D 51 -0.56 3.82 -2.34
N LEU D 52 -0.09 3.37 -1.17
CA LEU D 52 -1.03 2.86 -0.16
C LEU D 52 -2.09 3.89 0.19
N GLU D 53 -1.69 5.14 0.38
CA GLU D 53 -2.64 6.18 0.75
C GLU D 53 -3.71 6.37 -0.31
N VAL D 54 -3.31 6.30 -1.59
CA VAL D 54 -4.27 6.45 -2.67
C VAL D 54 -5.24 5.28 -2.67
N LEU D 55 -4.70 4.06 -2.65
CA LEU D 55 -5.54 2.89 -2.75
C LEU D 55 -6.47 2.78 -1.55
N ARG D 56 -6.10 3.35 -0.42
CA ARG D 56 -7.00 3.28 0.73
C ARG D 56 -8.17 4.25 0.61
N THR D 57 -8.06 5.26 -0.25
CA THR D 57 -9.08 6.31 -0.30
C THR D 57 -10.30 5.79 -1.04
N PRO D 58 -11.49 5.80 -0.44
CA PRO D 58 -12.66 5.24 -1.11
C PRO D 58 -12.89 5.90 -2.46
N GLY D 59 -13.19 5.08 -3.46
CA GLY D 59 -13.51 5.59 -4.79
C GLY D 59 -12.34 6.11 -5.59
N ALA D 60 -11.14 6.19 -5.00
CA ALA D 60 -10.00 6.76 -5.71
C ALA D 60 -9.67 5.95 -6.96
N SER D 61 -9.81 4.63 -6.89
CA SER D 61 -9.35 3.82 -8.00
C SER D 61 -10.20 4.04 -9.24
N GLU D 62 -11.51 4.13 -9.06
CA GLU D 62 -12.38 4.30 -10.21
C GLU D 62 -12.37 5.74 -10.70
N ALA D 63 -12.26 6.68 -9.76
CA ALA D 63 -12.14 8.07 -10.15
C ALA D 63 -10.89 8.30 -10.99
N ILE D 64 -9.79 7.65 -10.64
CA ILE D 64 -8.58 7.80 -11.44
C ILE D 64 -8.77 7.23 -12.85
N ARG D 65 -9.45 6.09 -12.98
CA ARG D 65 -9.72 5.57 -14.32
C ARG D 65 -10.59 6.53 -15.10
N GLU D 66 -11.59 7.12 -14.45
CA GLU D 66 -12.40 8.07 -15.17
C GLU D 66 -11.59 9.31 -15.57
N GLY D 67 -10.65 9.74 -14.72
CA GLY D 67 -9.82 10.88 -15.11
C GLY D 67 -8.85 10.55 -16.24
N LEU D 68 -8.26 9.35 -16.22
CA LEU D 68 -7.45 8.93 -17.35
C LEU D 68 -8.26 8.95 -18.63
N ALA D 69 -9.51 8.46 -18.56
CA ALA D 69 -10.37 8.49 -19.72
C ALA D 69 -10.60 9.91 -20.21
N ASP D 70 -10.70 10.86 -19.27
CA ASP D 70 -10.85 12.27 -19.65
C ASP D 70 -9.64 12.74 -20.45
N VAL D 71 -8.44 12.39 -19.97
CA VAL D 71 -7.23 12.76 -20.69
C VAL D 71 -7.25 12.16 -22.08
N ALA D 72 -7.59 10.88 -22.18
CA ALA D 72 -7.69 10.23 -23.48
C ALA D 72 -8.65 10.96 -24.42
N ALA D 73 -9.70 11.56 -23.88
CA ALA D 73 -10.62 12.27 -24.74
C ALA D 73 -10.33 13.76 -24.83
N GLY D 74 -9.31 14.26 -24.12
CA GLY D 74 -9.10 15.69 -24.09
C GLY D 74 -10.23 16.43 -23.41
N ARG D 75 -10.92 15.75 -22.48
CA ARG D 75 -12.06 16.35 -21.77
C ARG D 75 -11.52 17.13 -20.57
N PHE D 76 -11.02 18.34 -20.84
CA PHE D 76 -10.53 19.25 -19.80
C PHE D 76 -11.43 20.48 -19.67
N VAL D 77 -11.43 21.06 -18.48
CA VAL D 77 -12.23 22.24 -18.18
C VAL D 77 -11.34 23.48 -18.30
N SER D 78 -11.97 24.65 -18.33
CA SER D 78 -11.20 25.90 -18.43
C SER D 78 -10.50 26.22 -17.13
N ASN D 79 -9.20 26.52 -17.21
CA ASN D 79 -8.47 26.94 -16.03
C ASN D 79 -9.01 28.25 -15.48
N ASP D 80 -9.35 29.18 -16.37
CA ASP D 80 -9.89 30.46 -15.93
C ASP D 80 -11.15 30.30 -15.10
N GLU D 81 -12.02 29.35 -15.48
CA GLU D 81 -13.24 29.12 -14.69
C GLU D 81 -12.91 28.51 -13.33
N ILE D 82 -11.96 27.57 -13.29
CA ILE D 82 -11.63 26.93 -12.01
C ILE D 82 -11.09 27.97 -11.03
N ARG D 83 -10.17 28.84 -11.49
CA ARG D 83 -9.67 29.92 -10.65
C ARG D 83 -10.82 30.79 -10.14
N ASN D 84 -11.65 31.29 -11.06
CA ASN D 84 -12.82 32.09 -10.73
C ASN D 84 -13.63 31.49 -9.59
N ARG D 85 -14.11 30.27 -9.78
CA ARG D 85 -15.02 29.65 -8.82
C ARG D 85 -14.38 29.46 -7.44
N TYR D 86 -13.04 29.42 -7.35
CA TYR D 86 -12.45 29.15 -6.05
C TYR D 86 -11.31 30.10 -5.69
N THR D 87 -11.33 31.34 -6.18
CA THR D 87 -10.29 32.31 -5.83
C THR D 87 -10.93 33.69 -5.66
N ALA D 88 -10.07 34.69 -5.50
CA ALA D 88 -10.47 36.09 -5.46
C ALA D 88 -9.24 36.98 -5.71
#